data_2AGJ
#
_entry.id   2AGJ
#
_cell.length_a   82.433
_cell.length_b   103.653
_cell.length_c   138.715
_cell.angle_alpha   90.00
_cell.angle_beta   90.00
_cell.angle_gamma   90.00
#
_symmetry.space_group_name_H-M   'I 2 2 2'
#
loop_
_entity.id
_entity.type
_entity.pdbx_description
1 polymer 'Yvo Fab, Light Chain'
2 polymer 'Yvo Fab, Heavy Chain'
3 branched 2-acetamido-2-deoxy-beta-D-glucopyranose-(1-4)-2-acetamido-2-deoxy-beta-D-glucopyranose
4 water water
#
loop_
_entity_poly.entity_id
_entity_poly.type
_entity_poly.pdbx_seq_one_letter_code
_entity_poly.pdbx_strand_id
1 'polypeptide(L)'
;EIVLTQSPGTLSLSPGERATLSCRASETVSNDKVAWYQQKPGQAPRLLIYGASSRATGIPDRFSGSGSGTDFTLSISGLE
PEDFVVYYCQQYASSPRTFGQGTKVEIKRTVAAPSVFIFPPSDEQLKSGTASVVCLLNNFYPREAKVQWKVDNALQSGNS
QESVTEQDSKDSTYSLSSTLTLSKADYEKHKVYACEVTHQGLSSPVTKSFNRGEC
;
L
2 'polypeptide(L)'
;(PCA)VTLKESGPTLVKPTQTLTLTCTFSGFSLTTTGEGVGWIRQPPGKALEFLAFIYWNDAKRYNPSLQSRLTITKDAS
KKQVVLTLTNLDPVDTATYYCARTSGWDIEFEYWGQGTLVTVSSGSASAPTLFPLVSCENSSPSSTVAVGCLAQDFLPDS
ITFSWKYKNNSDISSTRGFPSVLRGGKYAATSQVLLPSKDVMQGTDEHVVCKVQHPNGNKEKDVPLPVVI
;
H
#
# COMPACT_ATOMS: atom_id res chain seq x y z
N GLU A 1 -9.34 23.71 -13.16
CA GLU A 1 -8.81 22.33 -13.24
C GLU A 1 -7.36 22.31 -13.68
N ILE A 2 -6.45 22.48 -12.73
CA ILE A 2 -5.04 22.49 -13.06
C ILE A 2 -4.49 21.10 -12.85
N VAL A 3 -4.18 20.38 -13.94
CA VAL A 3 -3.65 19.04 -13.82
C VAL A 3 -2.14 19.12 -13.54
N LEU A 4 -1.69 18.26 -12.63
CA LEU A 4 -0.28 18.23 -12.26
C LEU A 4 0.38 16.89 -12.64
N THR A 5 1.41 16.98 -13.46
CA THR A 5 2.10 15.78 -13.90
C THR A 5 3.49 15.75 -13.30
N GLN A 6 3.73 14.71 -12.52
CA GLN A 6 5.01 14.52 -11.89
C GLN A 6 5.75 13.39 -12.58
N SER A 7 7.06 13.54 -12.76
CA SER A 7 7.84 12.48 -13.38
C SER A 7 9.29 12.65 -12.97
N PRO A 8 10.02 11.53 -12.92
CA PRO A 8 9.46 10.22 -13.22
C PRO A 8 8.54 9.71 -12.10
N GLY A 9 7.77 8.66 -12.38
CA GLY A 9 6.91 8.14 -11.36
C GLY A 9 7.79 7.54 -10.30
N THR A 10 8.75 6.76 -10.74
CA THR A 10 9.69 6.16 -9.83
C THR A 10 11.07 6.53 -10.33
N LEU A 11 11.93 6.95 -9.40
CA LEU A 11 13.30 7.39 -9.68
C LEU A 11 14.26 6.54 -8.87
N SER A 12 15.30 6.02 -9.51
CA SER A 12 16.26 5.16 -8.83
C SER A 12 17.67 5.72 -8.68
N LEU A 13 17.97 6.27 -7.50
CA LEU A 13 19.29 6.84 -7.24
C LEU A 13 20.00 6.11 -6.11
N SER A 14 21.26 6.48 -5.88
CA SER A 14 22.02 5.86 -4.79
C SER A 14 22.06 6.88 -3.66
N PRO A 15 22.30 6.44 -2.41
CA PRO A 15 22.36 7.42 -1.32
C PRO A 15 23.45 8.45 -1.63
N GLY A 16 23.21 9.71 -1.26
CA GLY A 16 24.17 10.76 -1.51
C GLY A 16 24.06 11.46 -2.85
N GLU A 17 23.47 10.80 -3.84
CA GLU A 17 23.34 11.45 -5.14
C GLU A 17 22.38 12.62 -5.02
N ARG A 18 22.24 13.33 -6.13
CA ARG A 18 21.34 14.46 -6.19
C ARG A 18 20.10 13.95 -6.89
N ALA A 19 18.96 14.47 -6.50
CA ALA A 19 17.69 14.07 -7.08
C ALA A 19 16.95 15.30 -7.52
N THR A 20 16.37 15.25 -8.71
CA THR A 20 15.60 16.38 -9.20
C THR A 20 14.26 15.83 -9.64
N LEU A 21 13.21 16.13 -8.88
CA LEU A 21 11.88 15.66 -9.23
C LEU A 21 11.20 16.79 -9.94
N SER A 22 10.54 16.50 -11.06
CA SER A 22 9.86 17.57 -11.76
C SER A 22 8.32 17.53 -11.61
N CYS A 23 7.71 18.70 -11.58
CA CYS A 23 6.27 18.82 -11.47
C CYS A 23 5.83 19.84 -12.51
N ARG A 24 5.00 19.41 -13.45
CA ARG A 24 4.51 20.28 -14.53
C ARG A 24 2.99 20.50 -14.48
N ALA A 25 2.58 21.76 -14.60
CA ALA A 25 1.18 22.16 -14.53
C ALA A 25 0.54 22.27 -15.90
N SER A 26 -0.77 21.99 -16.01
CA SER A 26 -1.49 22.03 -17.28
C SER A 26 -1.84 23.43 -17.77
N GLU A 27 -1.30 24.42 -17.07
CA GLU A 27 -1.50 25.83 -17.39
C GLU A 27 -0.73 26.57 -16.33
N THR A 28 -0.47 27.83 -16.56
CA THR A 28 0.31 28.57 -15.60
C THR A 28 -0.40 28.61 -14.23
N VAL A 29 0.40 28.59 -13.17
CA VAL A 29 -0.07 28.60 -11.80
C VAL A 29 0.13 29.99 -11.21
N SER A 30 -1.00 30.67 -11.01
CA SER A 30 -1.03 32.03 -10.48
C SER A 30 -0.25 32.24 -9.19
N ASN A 31 0.78 33.09 -9.28
CA ASN A 31 1.59 33.44 -8.14
C ASN A 31 2.49 32.36 -7.60
N ASP A 32 2.58 31.26 -8.35
CA ASP A 32 3.41 30.13 -7.96
C ASP A 32 3.03 29.53 -6.59
N LYS A 33 1.75 29.39 -6.35
CA LYS A 33 1.32 28.81 -5.09
C LYS A 33 1.39 27.30 -5.32
N VAL A 34 2.60 26.76 -5.21
CA VAL A 34 2.91 25.35 -5.38
C VAL A 34 3.59 24.82 -4.11
N ALA A 35 3.23 23.63 -3.67
CA ALA A 35 3.83 23.09 -2.46
C ALA A 35 4.28 21.63 -2.67
N TRP A 36 5.26 21.21 -1.86
CA TRP A 36 5.81 19.86 -1.90
C TRP A 36 5.65 19.21 -0.53
N TYR A 37 5.30 17.93 -0.56
CA TYR A 37 5.08 17.17 0.65
C TYR A 37 5.87 15.91 0.53
N GLN A 38 6.25 15.37 1.68
CA GLN A 38 7.00 14.14 1.76
C GLN A 38 6.19 13.18 2.64
N GLN A 39 6.09 11.93 2.21
CA GLN A 39 5.34 10.91 2.94
C GLN A 39 6.06 9.58 2.95
N LYS A 40 6.17 8.99 4.14
CA LYS A 40 6.78 7.66 4.27
C LYS A 40 5.55 6.76 4.28
N PRO A 41 5.64 5.55 3.72
CA PRO A 41 4.46 4.68 3.74
C PRO A 41 3.98 4.50 5.17
N GLY A 42 2.67 4.61 5.39
CA GLY A 42 2.13 4.47 6.72
C GLY A 42 1.77 5.80 7.35
N GLN A 43 2.71 6.74 7.40
CA GLN A 43 2.47 8.05 7.98
C GLN A 43 1.74 9.06 7.12
N ALA A 44 1.65 10.27 7.64
CA ALA A 44 0.96 11.35 6.98
C ALA A 44 1.97 12.25 6.28
N PRO A 45 1.49 13.01 5.29
CA PRO A 45 2.37 13.91 4.56
C PRO A 45 2.93 14.98 5.50
N ARG A 46 4.07 15.55 5.15
CA ARG A 46 4.69 16.61 5.91
C ARG A 46 5.14 17.66 4.90
N LEU A 47 4.85 18.93 5.17
CA LEU A 47 5.21 20.00 4.25
C LEU A 47 6.71 20.23 4.21
N LEU A 48 7.24 20.32 2.99
CA LEU A 48 8.65 20.52 2.76
C LEU A 48 8.92 21.89 2.19
N ILE A 49 8.09 22.30 1.24
CA ILE A 49 8.28 23.58 0.60
C ILE A 49 6.94 24.20 0.18
N TYR A 50 6.85 25.52 0.30
CA TYR A 50 5.65 26.26 -0.11
C TYR A 50 6.10 27.45 -0.93
N GLY A 51 5.14 28.08 -1.62
CA GLY A 51 5.49 29.22 -2.44
C GLY A 51 6.63 28.90 -3.38
N ALA A 52 6.55 27.73 -3.99
CA ALA A 52 7.52 27.27 -4.96
C ALA A 52 8.97 27.13 -4.48
N SER A 53 9.42 27.99 -3.57
CA SER A 53 10.80 27.92 -3.11
C SER A 53 11.10 28.11 -1.62
N SER A 54 10.10 28.49 -0.84
CA SER A 54 10.31 28.72 0.58
C SER A 54 10.31 27.47 1.45
N ARG A 55 11.43 27.17 2.10
CA ARG A 55 11.51 26.00 2.97
C ARG A 55 10.54 26.17 4.15
N ALA A 56 10.32 25.09 4.89
CA ALA A 56 9.39 25.13 6.01
C ALA A 56 10.08 24.99 7.33
N THR A 57 9.26 25.08 8.37
CA THR A 57 9.72 25.00 9.73
C THR A 57 10.29 23.62 10.05
N GLY A 58 11.60 23.56 10.21
CA GLY A 58 12.21 22.29 10.57
C GLY A 58 12.35 21.28 9.46
N ILE A 59 12.70 21.76 8.27
CA ILE A 59 12.89 20.90 7.10
C ILE A 59 14.29 21.23 6.59
N PRO A 60 15.21 20.24 6.62
CA PRO A 60 16.60 20.32 6.18
C PRO A 60 16.86 21.20 4.98
N ASP A 61 18.13 21.46 4.71
CA ASP A 61 18.47 22.34 3.59
C ASP A 61 18.90 21.65 2.30
N ARG A 62 18.87 20.31 2.25
CA ARG A 62 19.20 19.68 0.98
C ARG A 62 17.93 19.74 0.13
N PHE A 63 16.83 20.02 0.81
CA PHE A 63 15.52 20.17 0.18
C PHE A 63 15.36 21.62 -0.34
N SER A 64 15.18 21.78 -1.64
CA SER A 64 15.05 23.10 -2.25
C SER A 64 14.02 23.14 -3.38
N GLY A 65 13.24 24.22 -3.45
CA GLY A 65 12.24 24.32 -4.51
C GLY A 65 12.52 25.46 -5.47
N SER A 66 12.19 25.27 -6.74
CA SER A 66 12.44 26.30 -7.74
C SER A 66 11.51 26.22 -8.92
N GLY A 67 11.61 27.23 -9.78
CA GLY A 67 10.80 27.29 -10.98
C GLY A 67 9.58 28.16 -10.81
N SER A 68 8.84 28.35 -11.91
CA SER A 68 7.61 29.12 -11.88
C SER A 68 6.88 28.92 -13.20
N GLY A 69 5.71 29.52 -13.36
CA GLY A 69 4.99 29.32 -14.61
C GLY A 69 4.30 27.98 -14.55
N THR A 70 4.74 27.02 -15.38
CA THR A 70 4.13 25.69 -15.32
C THR A 70 5.15 24.59 -15.05
N ASP A 71 6.38 25.01 -14.69
CA ASP A 71 7.45 24.06 -14.42
C ASP A 71 8.06 24.30 -13.05
N PHE A 72 8.03 23.27 -12.20
CA PHE A 72 8.56 23.35 -10.84
C PHE A 72 9.44 22.17 -10.52
N THR A 73 10.46 22.43 -9.72
CA THR A 73 11.44 21.44 -9.35
C THR A 73 11.68 21.32 -7.86
N LEU A 74 11.69 20.10 -7.37
CA LEU A 74 12.00 19.88 -5.97
C LEU A 74 13.29 19.11 -6.03
N SER A 75 14.38 19.75 -5.65
CA SER A 75 15.62 19.04 -5.74
C SER A 75 16.16 18.75 -4.36
N ILE A 76 16.73 17.55 -4.20
CA ILE A 76 17.33 17.18 -2.94
C ILE A 76 18.69 16.53 -3.22
N SER A 77 19.73 17.33 -2.96
CA SER A 77 21.12 16.93 -3.15
C SER A 77 21.59 16.24 -1.90
N GLY A 78 22.33 15.16 -2.07
CA GLY A 78 22.82 14.44 -0.92
C GLY A 78 21.70 13.63 -0.31
N LEU A 79 21.16 12.72 -1.11
CA LEU A 79 20.09 11.85 -0.69
C LEU A 79 20.49 11.11 0.59
N GLU A 80 19.67 11.21 1.64
CA GLU A 80 19.98 10.49 2.87
C GLU A 80 19.00 9.34 3.02
N PRO A 81 19.39 8.27 3.74
CA PRO A 81 18.52 7.10 3.92
C PRO A 81 17.01 7.37 3.99
N GLU A 82 16.59 8.20 4.94
CA GLU A 82 15.19 8.55 5.17
C GLU A 82 14.49 9.27 4.00
N ASP A 83 15.26 9.75 3.03
CA ASP A 83 14.69 10.48 1.89
C ASP A 83 14.10 9.60 0.80
N PHE A 84 14.16 8.29 0.98
CA PHE A 84 13.65 7.40 -0.04
C PHE A 84 12.20 7.04 0.19
N VAL A 85 11.35 8.03 -0.05
CA VAL A 85 9.94 7.85 0.14
C VAL A 85 9.16 8.40 -1.07
N VAL A 86 7.90 8.78 -0.88
CA VAL A 86 7.11 9.29 -2.00
C VAL A 86 7.07 10.81 -1.88
N TYR A 87 6.89 11.52 -2.98
CA TYR A 87 6.84 12.97 -2.93
C TYR A 87 5.74 13.53 -3.78
N TYR A 88 4.95 14.45 -3.22
CA TYR A 88 3.86 15.06 -3.97
C TYR A 88 3.98 16.57 -4.08
N CYS A 89 3.62 17.13 -5.24
CA CYS A 89 3.58 18.57 -5.40
C CYS A 89 2.06 18.89 -5.42
N GLN A 90 1.71 20.10 -5.03
CA GLN A 90 0.32 20.51 -5.01
C GLN A 90 0.26 21.98 -5.35
N GLN A 91 -0.82 22.42 -5.96
CA GLN A 91 -0.95 23.84 -6.25
C GLN A 91 -2.17 24.36 -5.46
N TYR A 92 -2.00 25.53 -4.86
CA TYR A 92 -3.07 26.16 -4.08
C TYR A 92 -3.24 27.58 -4.60
N ALA A 93 -3.15 27.71 -5.92
CA ALA A 93 -3.30 29.01 -6.56
C ALA A 93 -4.77 29.32 -6.75
N SER A 94 -5.58 28.28 -6.83
CA SER A 94 -7.00 28.45 -7.04
C SER A 94 -7.86 27.88 -5.94
N SER A 95 -7.94 26.55 -5.93
CA SER A 95 -8.75 25.79 -4.99
C SER A 95 -10.10 25.77 -5.69
N PRO A 96 -10.56 24.61 -6.19
CA PRO A 96 -9.95 23.27 -6.18
C PRO A 96 -8.43 23.19 -6.09
N ARG A 97 -7.97 22.65 -4.97
CA ARG A 97 -6.56 22.44 -4.76
C ARG A 97 -6.38 21.11 -5.48
N THR A 98 -5.20 20.87 -6.05
CA THR A 98 -5.00 19.60 -6.75
C THR A 98 -3.64 19.05 -6.48
N PHE A 99 -3.53 17.73 -6.56
CA PHE A 99 -2.27 17.05 -6.32
C PHE A 99 -1.72 16.32 -7.52
N GLY A 100 -0.43 16.06 -7.47
CA GLY A 100 0.25 15.30 -8.51
C GLY A 100 0.17 13.86 -8.05
N GLN A 101 0.45 12.90 -8.94
CA GLN A 101 0.38 11.49 -8.56
C GLN A 101 1.55 10.99 -7.69
N GLY A 102 2.59 11.81 -7.58
CA GLY A 102 3.72 11.48 -6.75
C GLY A 102 4.82 10.71 -7.48
N THR A 103 6.07 10.98 -7.15
CA THR A 103 7.14 10.22 -7.72
C THR A 103 7.80 9.60 -6.50
N LYS A 104 8.12 8.30 -6.58
CA LYS A 104 8.80 7.56 -5.51
C LYS A 104 10.29 7.50 -5.79
N VAL A 105 11.12 7.74 -4.77
CA VAL A 105 12.55 7.67 -4.98
C VAL A 105 12.97 6.40 -4.30
N GLU A 106 13.58 5.50 -5.06
CA GLU A 106 14.00 4.22 -4.54
C GLU A 106 15.50 4.07 -4.59
N ILE A 107 15.99 3.11 -3.81
CA ILE A 107 17.41 2.81 -3.71
C ILE A 107 17.87 1.93 -4.87
N LYS A 108 18.83 2.43 -5.65
CA LYS A 108 19.34 1.65 -6.78
C LYS A 108 20.28 0.64 -6.16
N ARG A 109 20.20 -0.59 -6.63
CA ARG A 109 20.99 -1.69 -6.13
C ARG A 109 21.34 -2.45 -7.44
N THR A 110 22.07 -3.54 -7.35
CA THR A 110 22.38 -4.26 -8.56
C THR A 110 21.30 -5.29 -8.82
N VAL A 111 21.30 -5.88 -10.00
CA VAL A 111 20.29 -6.85 -10.34
C VAL A 111 20.33 -8.09 -9.51
N ALA A 112 19.19 -8.44 -8.94
CA ALA A 112 19.05 -9.65 -8.13
C ALA A 112 17.91 -10.40 -8.79
N ALA A 113 18.18 -11.61 -9.25
CA ALA A 113 17.14 -12.40 -9.87
C ALA A 113 16.22 -12.99 -8.77
N PRO A 114 14.97 -13.30 -9.12
CA PRO A 114 14.17 -13.84 -8.02
C PRO A 114 14.25 -15.31 -7.90
N SER A 115 13.96 -15.81 -6.70
CA SER A 115 13.90 -17.25 -6.46
C SER A 115 12.37 -17.47 -6.45
N VAL A 116 11.87 -18.48 -7.15
CA VAL A 116 10.42 -18.63 -7.17
C VAL A 116 9.93 -19.96 -6.70
N PHE A 117 8.78 -19.92 -6.03
CA PHE A 117 8.16 -21.10 -5.46
C PHE A 117 6.71 -21.10 -5.81
N ILE A 118 6.16 -22.28 -6.02
CA ILE A 118 4.76 -22.38 -6.35
C ILE A 118 4.11 -23.29 -5.32
N PHE A 119 2.98 -22.81 -4.81
CA PHE A 119 2.21 -23.53 -3.79
C PHE A 119 0.84 -23.93 -4.33
N PRO A 120 0.50 -25.22 -4.19
CA PRO A 120 -0.80 -25.69 -4.68
C PRO A 120 -1.84 -25.38 -3.61
N PRO A 121 -3.12 -25.28 -4.01
CA PRO A 121 -4.19 -24.99 -3.04
C PRO A 121 -4.30 -26.13 -2.04
N SER A 122 -4.56 -25.81 -0.77
CA SER A 122 -4.69 -26.84 0.27
C SER A 122 -6.06 -27.53 0.21
N ASP A 123 -6.07 -28.80 0.57
CA ASP A 123 -7.31 -29.56 0.56
C ASP A 123 -8.40 -28.80 1.29
N GLU A 124 -8.11 -28.42 2.53
CA GLU A 124 -9.07 -27.65 3.30
C GLU A 124 -9.76 -26.61 2.44
N GLN A 125 -9.01 -25.59 2.02
CA GLN A 125 -9.62 -24.56 1.21
C GLN A 125 -10.40 -25.15 0.05
N LEU A 126 -9.93 -26.28 -0.46
CA LEU A 126 -10.59 -26.93 -1.59
C LEU A 126 -12.03 -27.31 -1.27
N LYS A 127 -12.23 -27.83 -0.07
CA LYS A 127 -13.56 -28.22 0.36
C LYS A 127 -14.48 -27.00 0.34
N SER A 128 -13.88 -25.82 0.46
CA SER A 128 -14.63 -24.55 0.47
C SER A 128 -15.13 -24.10 -0.92
N GLY A 129 -14.82 -24.87 -1.96
CA GLY A 129 -15.29 -24.52 -3.30
C GLY A 129 -14.43 -23.59 -4.14
N THR A 130 -13.42 -23.01 -3.50
CA THR A 130 -12.49 -22.11 -4.17
C THR A 130 -11.07 -22.59 -3.91
N ALA A 131 -10.27 -22.65 -4.96
CA ALA A 131 -8.88 -23.08 -4.84
C ALA A 131 -8.00 -21.90 -5.24
N SER A 132 -6.94 -21.67 -4.45
CA SER A 132 -6.01 -20.60 -4.73
C SER A 132 -4.57 -21.08 -4.92
N VAL A 133 -4.09 -20.93 -6.14
CA VAL A 133 -2.72 -21.32 -6.47
C VAL A 133 -1.82 -20.09 -6.26
N VAL A 134 -0.74 -20.22 -5.50
CA VAL A 134 0.12 -19.06 -5.36
C VAL A 134 1.49 -19.31 -5.91
N CYS A 135 2.13 -18.22 -6.27
CA CYS A 135 3.46 -18.25 -6.83
C CYS A 135 4.17 -17.08 -6.15
N LEU A 136 5.20 -17.42 -5.36
CA LEU A 136 5.95 -16.37 -4.69
C LEU A 136 7.30 -16.06 -5.35
N LEU A 137 7.58 -14.78 -5.55
CA LEU A 137 8.89 -14.38 -6.09
C LEU A 137 9.64 -13.70 -4.97
N ASN A 138 10.80 -14.25 -4.63
CA ASN A 138 11.64 -13.71 -3.54
C ASN A 138 12.95 -12.97 -3.84
N ASN A 139 13.12 -11.83 -3.17
CA ASN A 139 14.32 -10.98 -3.23
C ASN A 139 14.87 -10.68 -4.60
N PHE A 140 14.26 -9.72 -5.26
CA PHE A 140 14.66 -9.44 -6.58
C PHE A 140 14.74 -7.96 -6.76
N TYR A 141 15.44 -7.59 -7.82
CA TYR A 141 15.63 -6.20 -8.21
C TYR A 141 16.18 -6.09 -9.65
N PRO A 142 15.70 -5.11 -10.42
CA PRO A 142 14.68 -4.08 -10.12
C PRO A 142 13.24 -4.61 -9.94
N ARG A 143 12.30 -3.71 -9.64
CA ARG A 143 10.91 -4.06 -9.36
C ARG A 143 10.10 -4.75 -10.44
N GLU A 144 10.41 -4.44 -11.69
CA GLU A 144 9.69 -5.00 -12.82
C GLU A 144 9.85 -6.49 -12.98
N ALA A 145 8.74 -7.19 -13.03
CA ALA A 145 8.75 -8.64 -13.26
C ALA A 145 7.44 -9.00 -13.96
N LYS A 146 7.49 -9.90 -14.93
CA LYS A 146 6.29 -10.31 -15.64
C LYS A 146 5.97 -11.65 -15.02
N VAL A 147 4.75 -11.80 -14.54
CA VAL A 147 4.35 -13.05 -13.96
C VAL A 147 3.09 -13.51 -14.64
N GLN A 148 3.21 -14.54 -15.46
CA GLN A 148 2.09 -15.09 -16.18
C GLN A 148 1.66 -16.48 -15.75
N TRP A 149 0.35 -16.68 -15.68
CA TRP A 149 -0.22 -17.96 -15.29
C TRP A 149 -0.66 -18.73 -16.53
N LYS A 150 -0.49 -20.03 -16.51
CA LYS A 150 -0.90 -20.87 -17.63
C LYS A 150 -1.51 -22.11 -17.03
N VAL A 151 -2.70 -22.48 -17.48
CA VAL A 151 -3.34 -23.68 -16.99
C VAL A 151 -3.59 -24.55 -18.22
N ASP A 152 -3.06 -25.77 -18.18
CA ASP A 152 -3.15 -26.68 -19.30
C ASP A 152 -2.79 -25.87 -20.55
N ASN A 153 -1.71 -25.08 -20.44
CA ASN A 153 -1.21 -24.20 -21.52
C ASN A 153 -2.05 -22.96 -21.87
N ALA A 154 -3.17 -22.79 -21.18
CA ALA A 154 -4.03 -21.64 -21.44
C ALA A 154 -3.62 -20.39 -20.67
N LEU A 155 -3.27 -19.32 -21.37
CA LEU A 155 -2.88 -18.11 -20.66
C LEU A 155 -4.08 -17.60 -19.86
N GLN A 156 -3.89 -17.29 -18.58
CA GLN A 156 -4.96 -16.77 -17.72
C GLN A 156 -5.08 -15.27 -17.76
N SER A 157 -6.18 -14.74 -17.24
CA SER A 157 -6.41 -13.30 -17.21
C SER A 157 -7.62 -12.90 -16.37
N GLY A 158 -7.49 -11.77 -15.66
CA GLY A 158 -8.56 -11.26 -14.81
C GLY A 158 -8.94 -12.17 -13.65
N ASN A 159 -8.06 -13.11 -13.33
CA ASN A 159 -8.27 -14.09 -12.26
C ASN A 159 -7.04 -14.29 -11.36
N SER A 160 -6.20 -13.27 -11.29
CA SER A 160 -4.99 -13.30 -10.46
C SER A 160 -4.84 -11.90 -9.93
N GLN A 161 -4.47 -11.75 -8.68
CA GLN A 161 -4.32 -10.41 -8.10
C GLN A 161 -2.91 -9.86 -8.31
N GLU A 162 -2.09 -9.93 -7.26
CA GLU A 162 -0.70 -9.49 -7.23
C GLU A 162 -0.38 -8.49 -6.13
N SER A 163 0.51 -8.87 -5.24
CA SER A 163 0.90 -8.00 -4.17
C SER A 163 2.43 -7.95 -4.07
N VAL A 164 2.98 -6.76 -3.86
CA VAL A 164 4.41 -6.65 -3.75
C VAL A 164 4.83 -5.85 -2.53
N THR A 165 5.85 -6.35 -1.84
CA THR A 165 6.32 -5.65 -0.65
C THR A 165 7.02 -4.33 -1.00
N GLU A 166 7.33 -3.57 0.02
CA GLU A 166 8.06 -2.35 -0.16
C GLU A 166 9.53 -2.81 -0.22
N GLN A 167 10.40 -1.96 -0.75
CA GLN A 167 11.82 -2.25 -0.87
C GLN A 167 12.34 -2.66 0.48
N ASP A 168 13.00 -3.81 0.54
CA ASP A 168 13.53 -4.33 1.80
C ASP A 168 14.51 -3.38 2.49
N SER A 169 14.35 -3.23 3.80
CA SER A 169 15.18 -2.34 4.60
C SER A 169 16.65 -2.71 4.69
N LYS A 170 16.95 -4.00 4.60
CA LYS A 170 18.31 -4.47 4.69
C LYS A 170 18.81 -4.98 3.34
N ASP A 171 17.89 -5.25 2.43
CA ASP A 171 18.26 -5.81 1.13
C ASP A 171 18.12 -4.89 -0.08
N SER A 172 17.16 -4.00 0.01
CA SER A 172 16.86 -3.11 -1.10
C SER A 172 16.15 -3.91 -2.19
N THR A 173 15.85 -5.19 -1.91
CA THR A 173 15.15 -6.09 -2.83
C THR A 173 13.66 -6.10 -2.62
N TYR A 174 12.94 -6.74 -3.54
CA TYR A 174 11.47 -6.82 -3.47
C TYR A 174 11.06 -8.27 -3.54
N SER A 175 9.86 -8.54 -3.05
CA SER A 175 9.31 -9.87 -3.12
C SER A 175 7.91 -9.59 -3.58
N LEU A 176 7.28 -10.58 -4.19
CA LEU A 176 5.92 -10.38 -4.62
C LEU A 176 5.16 -11.69 -4.64
N SER A 177 3.85 -11.60 -4.39
CA SER A 177 3.04 -12.80 -4.44
C SER A 177 2.00 -12.60 -5.53
N SER A 178 1.80 -13.62 -6.33
CA SER A 178 0.82 -13.58 -7.37
C SER A 178 -0.12 -14.72 -7.02
N THR A 179 -1.41 -14.41 -6.98
CA THR A 179 -2.44 -15.41 -6.66
C THR A 179 -3.40 -15.65 -7.81
N LEU A 180 -3.56 -16.92 -8.14
CA LEU A 180 -4.48 -17.36 -9.16
C LEU A 180 -5.63 -17.95 -8.36
N THR A 181 -6.81 -17.37 -8.54
CA THR A 181 -7.99 -17.83 -7.81
C THR A 181 -9.09 -18.33 -8.76
N LEU A 182 -9.47 -19.59 -8.61
CA LEU A 182 -10.50 -20.14 -9.47
C LEU A 182 -11.47 -21.12 -8.82
N SER A 183 -12.58 -21.35 -9.52
CA SER A 183 -13.63 -22.23 -9.05
C SER A 183 -13.12 -23.65 -8.85
N LYS A 184 -13.40 -24.22 -7.68
CA LYS A 184 -12.99 -25.60 -7.39
C LYS A 184 -13.32 -26.53 -8.57
N ALA A 185 -14.45 -26.24 -9.21
CA ALA A 185 -14.91 -27.02 -10.36
C ALA A 185 -13.86 -26.92 -11.46
N ASP A 186 -13.59 -25.69 -11.88
CA ASP A 186 -12.59 -25.41 -12.92
C ASP A 186 -11.25 -26.01 -12.52
N TYR A 187 -10.85 -25.79 -11.28
CA TYR A 187 -9.59 -26.32 -10.78
C TYR A 187 -9.45 -27.82 -10.97
N GLU A 188 -10.50 -28.57 -10.66
CA GLU A 188 -10.40 -30.03 -10.80
C GLU A 188 -10.52 -30.55 -12.23
N LYS A 189 -10.83 -29.65 -13.16
CA LYS A 189 -10.97 -29.98 -14.58
C LYS A 189 -9.64 -29.91 -15.36
N HIS A 190 -8.56 -29.51 -14.68
CA HIS A 190 -7.26 -29.37 -15.32
C HIS A 190 -6.09 -30.05 -14.61
N LYS A 191 -5.07 -30.41 -15.39
CA LYS A 191 -3.93 -31.13 -14.87
C LYS A 191 -2.69 -30.35 -14.49
N VAL A 192 -2.14 -29.57 -15.41
CA VAL A 192 -0.92 -28.84 -15.09
C VAL A 192 -1.06 -27.33 -14.88
N TYR A 193 -0.51 -26.87 -13.75
CA TYR A 193 -0.53 -25.48 -13.31
C TYR A 193 0.88 -24.88 -13.35
N ALA A 194 1.04 -23.74 -14.01
CA ALA A 194 2.36 -23.14 -14.16
C ALA A 194 2.45 -21.63 -14.12
N CYS A 195 3.36 -21.08 -13.31
CA CYS A 195 3.54 -19.63 -13.36
C CYS A 195 4.90 -19.37 -13.95
N GLU A 196 4.93 -18.58 -15.03
CA GLU A 196 6.14 -18.20 -15.74
C GLU A 196 6.53 -16.82 -15.26
N VAL A 197 7.78 -16.62 -14.90
CA VAL A 197 8.23 -15.31 -14.40
C VAL A 197 9.32 -14.81 -15.31
N THR A 198 9.24 -13.55 -15.67
CA THR A 198 10.21 -12.92 -16.55
C THR A 198 10.89 -11.81 -15.79
N HIS A 199 12.21 -11.87 -15.72
CA HIS A 199 12.92 -10.81 -15.00
C HIS A 199 14.28 -10.55 -15.58
N GLN A 200 14.65 -9.27 -15.62
CA GLN A 200 15.93 -8.85 -16.14
C GLN A 200 17.13 -9.65 -15.62
N GLY A 201 17.02 -10.31 -14.48
CA GLY A 201 18.15 -11.05 -13.98
C GLY A 201 18.19 -12.53 -14.22
N LEU A 202 17.26 -13.02 -15.02
CA LEU A 202 17.19 -14.44 -15.36
C LEU A 202 17.64 -14.48 -16.82
N SER A 203 18.55 -15.37 -17.21
CA SER A 203 18.97 -15.40 -18.62
C SER A 203 17.74 -15.71 -19.47
N SER A 204 16.95 -16.67 -19.02
CA SER A 204 15.72 -17.01 -19.72
C SER A 204 14.61 -17.18 -18.68
N PRO A 205 13.36 -16.97 -19.11
CA PRO A 205 12.16 -17.09 -18.27
C PRO A 205 12.12 -18.38 -17.50
N VAL A 206 11.90 -18.27 -16.21
CA VAL A 206 11.81 -19.45 -15.38
C VAL A 206 10.32 -19.81 -15.25
N THR A 207 10.01 -21.09 -15.38
CA THR A 207 8.61 -21.50 -15.25
C THR A 207 8.58 -22.54 -14.12
N LYS A 208 7.57 -22.43 -13.27
CA LYS A 208 7.39 -23.34 -12.14
C LYS A 208 6.02 -23.96 -12.30
N SER A 209 5.87 -25.22 -11.92
CA SER A 209 4.58 -25.84 -12.07
C SER A 209 4.45 -27.13 -11.32
N PHE A 210 3.21 -27.56 -11.13
CA PHE A 210 2.95 -28.79 -10.45
C PHE A 210 1.71 -29.41 -11.10
N ASN A 211 1.50 -30.71 -10.92
CA ASN A 211 0.33 -31.38 -11.49
C ASN A 211 -0.66 -31.68 -10.38
N ARG A 212 -1.88 -31.22 -10.58
CA ARG A 212 -2.97 -31.43 -9.63
C ARG A 212 -2.87 -32.83 -9.04
N GLY A 213 -2.86 -32.89 -7.71
CA GLY A 213 -2.79 -34.15 -7.03
C GLY A 213 -1.43 -34.77 -6.81
N GLU A 214 -0.54 -34.65 -7.79
CA GLU A 214 0.77 -35.26 -7.64
C GLU A 214 1.72 -34.46 -6.76
N CYS A 215 1.14 -33.81 -5.75
CA CYS A 215 1.92 -33.04 -4.80
C CYS A 215 1.54 -33.27 -3.32
N VAL B 2 0.68 22.58 17.63
CA VAL B 2 -0.70 22.48 17.16
C VAL B 2 -1.00 20.98 17.02
N THR B 3 -2.27 20.61 16.91
CA THR B 3 -2.61 19.21 16.77
C THR B 3 -4.01 18.95 16.21
N LEU B 4 -4.08 17.90 15.38
CA LEU B 4 -5.33 17.48 14.77
C LEU B 4 -5.47 15.99 14.97
N LYS B 5 -6.70 15.56 15.14
CA LYS B 5 -7.00 14.16 15.35
C LYS B 5 -8.29 13.92 14.60
N GLU B 6 -8.31 12.90 13.75
CA GLU B 6 -9.53 12.57 12.98
C GLU B 6 -10.14 11.43 13.74
N SER B 7 -11.35 11.04 13.32
CA SER B 7 -12.11 9.95 13.92
C SER B 7 -13.41 9.72 13.17
N GLY B 8 -13.84 8.47 13.12
CA GLY B 8 -15.06 8.12 12.43
C GLY B 8 -15.23 6.63 12.37
N PRO B 9 -16.23 6.16 11.62
CA PRO B 9 -16.48 4.71 11.49
C PRO B 9 -15.36 4.07 10.69
N THR B 10 -14.77 2.98 11.19
CA THR B 10 -13.70 2.37 10.42
C THR B 10 -14.25 1.41 9.36
N LEU B 11 -15.56 1.18 9.38
CA LEU B 11 -16.18 0.32 8.39
C LEU B 11 -17.59 0.82 8.14
N VAL B 12 -17.99 0.84 6.87
CA VAL B 12 -19.31 1.35 6.52
C VAL B 12 -19.77 0.73 5.22
N LYS B 13 -21.07 0.53 5.08
CA LYS B 13 -21.63 -0.05 3.86
C LYS B 13 -21.91 1.02 2.84
N PRO B 14 -21.89 0.64 1.54
CA PRO B 14 -22.17 1.61 0.46
C PRO B 14 -23.57 2.21 0.55
N THR B 15 -23.90 3.09 -0.40
CA THR B 15 -25.19 3.77 -0.40
C THR B 15 -25.43 4.07 1.07
N GLN B 16 -24.67 5.01 1.60
CA GLN B 16 -24.81 5.34 3.00
C GLN B 16 -24.22 6.72 3.25
N THR B 17 -23.79 6.97 4.49
CA THR B 17 -23.20 8.28 4.80
C THR B 17 -22.08 8.26 5.84
N LEU B 18 -20.96 8.85 5.45
CA LEU B 18 -19.77 8.90 6.28
C LEU B 18 -19.64 10.28 6.88
N THR B 19 -19.31 10.32 8.16
CA THR B 19 -19.14 11.59 8.85
C THR B 19 -17.82 11.48 9.59
N LEU B 20 -16.92 12.42 9.35
CA LEU B 20 -15.64 12.35 10.03
C LEU B 20 -15.44 13.62 10.83
N THR B 21 -14.66 13.55 11.91
CA THR B 21 -14.46 14.78 12.64
C THR B 21 -13.02 15.04 12.98
N CYS B 22 -12.59 16.25 12.68
CA CYS B 22 -11.23 16.64 12.95
C CYS B 22 -11.25 17.48 14.21
N THR B 23 -10.83 16.88 15.28
CA THR B 23 -10.79 17.59 16.53
C THR B 23 -9.37 18.17 16.57
N PHE B 24 -9.29 19.48 16.60
CA PHE B 24 -8.00 20.15 16.61
C PHE B 24 -7.76 20.96 17.87
N SER B 25 -6.49 21.24 18.11
CA SER B 25 -6.09 21.98 19.29
C SER B 25 -4.81 22.78 19.07
N GLY B 26 -4.86 24.07 19.38
CA GLY B 26 -3.68 24.91 19.25
C GLY B 26 -3.92 26.17 18.45
N PHE B 27 -5.14 26.34 17.97
CA PHE B 27 -5.47 27.51 17.17
C PHE B 27 -6.98 27.63 17.09
N SER B 28 -7.46 28.78 16.64
CA SER B 28 -8.90 28.96 16.51
C SER B 28 -9.18 29.45 15.11
N LEU B 29 -10.28 28.95 14.57
CA LEU B 29 -10.76 29.25 13.22
C LEU B 29 -11.06 30.74 13.07
N THR B 30 -10.25 31.59 13.69
CA THR B 30 -10.51 33.03 13.64
C THR B 30 -9.54 33.90 12.85
N THR B 31 -8.27 33.54 12.80
CA THR B 31 -7.30 34.33 12.05
C THR B 31 -7.55 34.30 10.52
N THR B 32 -7.13 35.37 9.84
CA THR B 32 -7.30 35.49 8.39
C THR B 32 -6.38 34.50 7.68
N GLY B 33 -6.70 34.16 6.43
CA GLY B 33 -5.89 33.20 5.70
C GLY B 33 -6.01 31.79 6.24
N GLU B 34 -5.99 31.65 7.56
CA GLU B 34 -6.11 30.36 8.21
C GLU B 34 -7.33 29.54 7.72
N GLY B 35 -7.13 28.22 7.63
CA GLY B 35 -8.20 27.35 7.19
C GLY B 35 -7.87 25.89 7.44
N VAL B 36 -8.87 25.03 7.29
CA VAL B 36 -8.67 23.59 7.48
C VAL B 36 -9.39 22.83 6.38
N GLY B 37 -8.82 21.68 5.96
CA GLY B 37 -9.43 20.87 4.90
C GLY B 37 -9.21 19.36 5.01
N TRP B 38 -10.03 18.61 4.27
CA TRP B 38 -9.98 17.14 4.23
C TRP B 38 -9.39 16.62 2.91
N ILE B 39 -8.42 15.72 3.05
CA ILE B 39 -7.71 15.08 1.93
C ILE B 39 -7.64 13.58 2.18
N ARG B 40 -8.03 12.79 1.20
CA ARG B 40 -7.95 11.34 1.38
C ARG B 40 -6.91 10.69 0.47
N GLN B 41 -6.58 9.45 0.79
CA GLN B 41 -5.61 8.72 0.05
C GLN B 41 -6.01 7.26 -0.09
N PRO B 42 -6.51 6.86 -1.28
CA PRO B 42 -6.91 5.45 -1.48
C PRO B 42 -5.64 4.62 -1.36
N PRO B 43 -5.73 3.43 -0.77
CA PRO B 43 -4.54 2.60 -0.62
C PRO B 43 -3.69 2.46 -1.87
N GLY B 44 -2.40 2.73 -1.71
CA GLY B 44 -1.47 2.63 -2.81
C GLY B 44 -1.56 3.72 -3.86
N LYS B 45 -2.46 4.68 -3.67
CA LYS B 45 -2.56 5.73 -4.66
C LYS B 45 -2.21 7.10 -4.11
N ALA B 46 -2.45 8.13 -4.90
CA ALA B 46 -2.12 9.51 -4.54
C ALA B 46 -3.11 10.23 -3.61
N LEU B 47 -2.64 11.34 -3.07
CA LEU B 47 -3.44 12.19 -2.22
C LEU B 47 -4.52 12.84 -3.08
N GLU B 48 -5.72 12.98 -2.53
CA GLU B 48 -6.81 13.62 -3.28
C GLU B 48 -7.59 14.55 -2.34
N PHE B 49 -7.68 15.81 -2.73
CA PHE B 49 -8.37 16.86 -1.98
C PHE B 49 -9.90 16.84 -2.08
N LEU B 50 -10.59 16.88 -0.94
CA LEU B 50 -12.07 16.86 -0.92
C LEU B 50 -12.72 18.24 -0.75
N ALA B 51 -12.56 18.81 0.43
CA ALA B 51 -13.13 20.11 0.73
C ALA B 51 -12.26 20.89 1.72
N PHE B 52 -12.46 22.20 1.76
CA PHE B 52 -11.70 23.10 2.61
C PHE B 52 -12.64 24.16 3.14
N ILE B 53 -12.47 24.53 4.39
CA ILE B 53 -13.29 25.57 4.99
C ILE B 53 -12.39 26.61 5.64
N TYR B 54 -12.61 27.86 5.26
CA TYR B 54 -11.84 29.01 5.77
C TYR B 54 -12.42 29.52 7.10
N TRP B 55 -11.69 30.38 7.80
CA TRP B 55 -12.28 30.98 9.01
C TRP B 55 -13.35 31.80 8.26
N ASN B 56 -13.92 32.85 8.82
CA ASN B 56 -14.96 33.57 8.07
C ASN B 56 -15.95 32.61 7.36
N ASP B 57 -15.85 31.33 7.72
CA ASP B 57 -16.72 30.28 7.21
C ASP B 57 -16.88 30.09 5.70
N ALA B 58 -15.88 30.50 4.92
CA ALA B 58 -15.96 30.33 3.47
C ALA B 58 -15.55 28.87 3.15
N LYS B 59 -16.43 28.17 2.43
CA LYS B 59 -16.18 26.78 2.06
C LYS B 59 -15.90 26.58 0.56
N ARG B 60 -14.98 25.67 0.25
CA ARG B 60 -14.57 25.38 -1.13
C ARG B 60 -14.56 23.85 -1.38
N TYR B 61 -15.06 23.42 -2.53
CA TYR B 61 -15.15 21.98 -2.82
C TYR B 61 -14.46 21.46 -4.11
N ASN B 62 -14.27 20.15 -4.13
CA ASN B 62 -13.68 19.46 -5.28
C ASN B 62 -14.88 19.15 -6.18
N PRO B 63 -15.00 19.86 -7.31
CA PRO B 63 -16.13 19.64 -8.23
C PRO B 63 -16.59 18.18 -8.26
N SER B 64 -15.68 17.33 -8.69
CA SER B 64 -15.94 15.91 -8.81
C SER B 64 -16.57 15.22 -7.60
N LEU B 65 -16.53 15.85 -6.43
CA LEU B 65 -17.11 15.21 -5.26
C LEU B 65 -18.11 16.11 -4.57
N GLN B 66 -18.29 17.30 -5.13
CA GLN B 66 -19.22 18.27 -4.59
C GLN B 66 -20.60 17.66 -4.72
N SER B 67 -21.61 18.28 -4.11
CA SER B 67 -22.97 17.74 -4.18
C SER B 67 -22.91 16.28 -3.76
N ARG B 68 -22.20 16.05 -2.67
CA ARG B 68 -22.02 14.71 -2.10
C ARG B 68 -21.13 14.98 -0.92
N LEU B 69 -20.50 16.15 -0.95
CA LEU B 69 -19.60 16.60 0.09
C LEU B 69 -20.27 17.74 0.84
N THR B 70 -19.86 17.92 2.10
CA THR B 70 -20.36 19.00 2.95
C THR B 70 -19.34 19.20 4.07
N ILE B 71 -18.92 20.44 4.25
CA ILE B 71 -17.92 20.77 5.25
C ILE B 71 -18.49 21.78 6.27
N THR B 72 -18.15 21.61 7.55
CA THR B 72 -18.63 22.51 8.62
C THR B 72 -17.67 22.61 9.81
N LYS B 73 -17.61 23.78 10.42
CA LYS B 73 -16.75 24.00 11.57
C LYS B 73 -17.60 24.40 12.77
N ASP B 74 -17.14 24.03 13.97
CA ASP B 74 -17.82 24.37 15.21
C ASP B 74 -16.74 25.02 16.07
N ALA B 75 -16.65 26.34 16.00
CA ALA B 75 -15.63 27.03 16.78
C ALA B 75 -15.87 26.66 18.25
N SER B 76 -17.13 26.41 18.59
CA SER B 76 -17.51 26.03 19.95
C SER B 76 -16.69 24.83 20.44
N LYS B 77 -16.78 23.73 19.70
CA LYS B 77 -16.06 22.50 20.08
C LYS B 77 -14.66 22.27 19.50
N LYS B 78 -14.15 23.20 18.69
CA LYS B 78 -12.81 23.04 18.10
C LYS B 78 -12.75 21.76 17.28
N GLN B 79 -13.74 21.57 16.40
CA GLN B 79 -13.78 20.36 15.58
C GLN B 79 -14.55 20.51 14.28
N VAL B 80 -13.84 20.33 13.16
CA VAL B 80 -14.44 20.43 11.84
C VAL B 80 -15.01 19.06 11.46
N VAL B 81 -16.16 19.10 10.78
CA VAL B 81 -16.86 17.88 10.36
C VAL B 81 -17.04 17.75 8.85
N LEU B 82 -16.87 16.54 8.34
CA LEU B 82 -17.00 16.31 6.91
C LEU B 82 -18.08 15.27 6.71
N THR B 83 -18.86 15.47 5.65
CA THR B 83 -19.93 14.54 5.34
C THR B 83 -19.88 14.11 3.88
N LEU B 84 -19.87 12.80 3.67
CA LEU B 84 -19.82 12.24 2.33
C LEU B 84 -21.00 11.30 2.19
N THR B 85 -21.83 11.52 1.19
CA THR B 85 -23.00 10.67 0.99
C THR B 85 -22.83 9.73 -0.20
N ASN B 86 -23.65 8.67 -0.22
CA ASN B 86 -23.62 7.69 -1.30
C ASN B 86 -22.33 6.87 -1.31
N LEU B 87 -21.79 6.58 -0.14
CA LEU B 87 -20.56 5.80 -0.06
C LEU B 87 -20.45 4.69 -1.12
N ASP B 88 -19.23 4.50 -1.62
CA ASP B 88 -18.92 3.50 -2.63
C ASP B 88 -17.61 2.85 -2.17
N PRO B 89 -17.30 1.64 -2.65
CA PRO B 89 -16.04 1.03 -2.20
C PRO B 89 -14.85 1.89 -2.63
N VAL B 90 -14.95 2.48 -3.82
CA VAL B 90 -13.88 3.34 -4.30
C VAL B 90 -13.58 4.46 -3.30
N ASP B 91 -14.49 4.69 -2.35
CA ASP B 91 -14.27 5.74 -1.35
C ASP B 91 -13.46 5.24 -0.15
N THR B 92 -13.02 3.99 -0.23
CA THR B 92 -12.19 3.40 0.82
C THR B 92 -10.88 4.18 0.74
N ALA B 93 -10.30 4.51 1.88
CA ALA B 93 -9.10 5.30 1.85
C ALA B 93 -8.81 5.82 3.24
N THR B 94 -7.66 6.44 3.39
CA THR B 94 -7.28 7.03 4.65
C THR B 94 -7.72 8.47 4.51
N TYR B 95 -8.40 9.01 5.51
CA TYR B 95 -8.85 10.41 5.43
C TYR B 95 -8.09 11.30 6.40
N TYR B 96 -7.40 12.30 5.86
CA TYR B 96 -6.61 13.23 6.69
C TYR B 96 -7.20 14.62 6.71
N CYS B 97 -6.96 15.35 7.80
CA CYS B 97 -7.39 16.73 7.86
C CYS B 97 -6.10 17.46 8.16
N ALA B 98 -6.00 18.70 7.70
CA ALA B 98 -4.79 19.45 7.91
C ALA B 98 -5.09 20.93 7.98
N ARG B 99 -4.20 21.68 8.63
CA ARG B 99 -4.40 23.10 8.79
C ARG B 99 -3.41 23.98 8.06
N THR B 100 -3.94 24.95 7.31
CA THR B 100 -3.10 25.90 6.59
C THR B 100 -3.03 27.07 7.57
N SER B 101 -1.81 27.37 8.02
CA SER B 101 -1.52 28.43 8.98
C SER B 101 -1.18 29.76 8.31
N GLY B 102 -2.11 30.32 7.55
CA GLY B 102 -1.85 31.57 6.86
C GLY B 102 -2.30 31.50 5.41
N TRP B 103 -1.68 32.31 4.55
CA TRP B 103 -2.08 32.33 3.15
C TRP B 103 -1.18 31.54 2.22
N ASP B 104 0.09 31.47 2.60
CA ASP B 104 1.08 30.77 1.79
C ASP B 104 1.50 29.46 2.40
N ILE B 105 1.50 29.39 3.72
CA ILE B 105 1.88 28.16 4.34
C ILE B 105 0.70 27.20 4.26
N GLU B 106 0.72 26.32 3.26
CA GLU B 106 -0.34 25.33 3.04
C GLU B 106 -0.13 24.11 3.90
N PHE B 107 -1.25 23.57 4.39
CA PHE B 107 -1.22 22.37 5.19
C PHE B 107 0.11 22.13 5.89
N GLU B 108 0.46 23.00 6.85
CA GLU B 108 1.73 22.84 7.57
C GLU B 108 1.53 21.81 8.68
N TYR B 109 0.27 21.55 9.03
CA TYR B 109 -0.06 20.60 10.09
C TYR B 109 -1.09 19.60 9.61
N TRP B 110 -0.72 18.31 9.68
CA TRP B 110 -1.59 17.21 9.24
C TRP B 110 -2.04 16.39 10.43
N GLY B 111 -3.27 15.88 10.37
CA GLY B 111 -3.76 15.02 11.43
C GLY B 111 -2.97 13.72 11.33
N GLN B 112 -3.62 12.58 11.44
CA GLN B 112 -2.87 11.33 11.34
C GLN B 112 -3.56 10.30 10.50
N GLY B 113 -4.77 10.63 10.07
CA GLY B 113 -5.54 9.75 9.22
C GLY B 113 -6.31 8.71 9.99
N THR B 114 -7.22 8.07 9.27
CA THR B 114 -8.04 7.03 9.83
C THR B 114 -8.50 6.32 8.58
N LEU B 115 -8.22 5.03 8.49
CA LEU B 115 -8.61 4.27 7.33
C LEU B 115 -10.08 3.89 7.46
N VAL B 116 -10.83 4.27 6.44
CA VAL B 116 -12.24 4.02 6.40
C VAL B 116 -12.52 3.01 5.29
N THR B 117 -12.73 1.75 5.66
CA THR B 117 -13.03 0.73 4.67
C THR B 117 -14.50 0.80 4.29
N VAL B 118 -14.79 0.70 3.02
CA VAL B 118 -16.17 0.77 2.57
C VAL B 118 -16.67 -0.54 1.96
N SER B 119 -17.02 -1.52 2.80
CA SER B 119 -17.53 -2.81 2.31
C SER B 119 -18.89 -3.21 2.91
N SER B 120 -19.76 -3.71 2.04
CA SER B 120 -21.09 -4.17 2.44
C SER B 120 -20.95 -5.37 3.37
N GLY B 121 -19.87 -6.13 3.20
CA GLY B 121 -19.60 -7.29 4.02
C GLY B 121 -19.52 -6.92 5.49
N SER B 122 -19.39 -7.92 6.35
CA SER B 122 -19.34 -7.64 7.76
C SER B 122 -18.02 -8.03 8.39
N ALA B 123 -17.61 -7.25 9.38
CA ALA B 123 -16.35 -7.47 10.09
C ALA B 123 -16.06 -8.92 10.47
N SER B 124 -15.57 -9.70 9.52
CA SER B 124 -15.22 -11.10 9.81
C SER B 124 -13.73 -11.26 10.07
N ALA B 125 -13.36 -12.23 10.91
CA ALA B 125 -11.95 -12.46 11.20
C ALA B 125 -11.39 -13.41 10.13
N PRO B 126 -10.05 -13.56 10.07
CA PRO B 126 -9.46 -14.45 9.07
C PRO B 126 -9.82 -15.93 9.20
N THR B 127 -9.66 -16.65 8.09
CA THR B 127 -9.87 -18.10 8.03
C THR B 127 -8.55 -18.53 7.34
N LEU B 128 -7.76 -19.36 8.00
CA LEU B 128 -6.46 -19.79 7.49
C LEU B 128 -6.34 -21.12 6.72
N PHE B 129 -5.39 -21.13 5.78
CA PHE B 129 -5.06 -22.30 4.97
C PHE B 129 -3.55 -22.41 4.89
N PRO B 130 -3.00 -23.62 5.05
CA PRO B 130 -1.55 -23.72 4.98
C PRO B 130 -1.12 -23.73 3.53
N LEU B 131 0.12 -23.32 3.29
CA LEU B 131 0.66 -23.32 1.95
C LEU B 131 1.91 -24.14 2.05
N VAL B 132 1.88 -25.34 1.48
CA VAL B 132 3.07 -26.16 1.54
C VAL B 132 3.76 -26.20 0.18
N SER B 133 5.05 -25.90 0.17
CA SER B 133 5.80 -25.87 -1.08
C SER B 133 5.74 -27.21 -1.72
N CYS B 134 5.05 -27.22 -2.84
CA CYS B 134 4.86 -28.40 -3.65
C CYS B 134 6.14 -28.45 -4.48
N GLU B 135 7.18 -27.91 -3.87
CA GLU B 135 8.52 -27.82 -4.44
C GLU B 135 9.18 -29.14 -4.73
N ASN B 136 10.06 -29.08 -5.72
CA ASN B 136 10.89 -30.18 -6.20
C ASN B 136 11.37 -29.95 -7.64
N SER B 137 12.15 -30.92 -8.15
CA SER B 137 12.78 -30.83 -9.48
C SER B 137 13.99 -29.94 -9.20
N SER B 138 14.26 -29.75 -7.91
CA SER B 138 15.36 -28.94 -7.37
C SER B 138 14.93 -28.27 -6.04
N PRO B 139 15.01 -28.99 -4.90
CA PRO B 139 14.63 -28.37 -3.62
C PRO B 139 15.56 -27.16 -3.42
N SER B 140 16.86 -27.43 -3.51
CA SER B 140 17.90 -26.40 -3.42
C SER B 140 18.11 -25.74 -2.06
N SER B 141 18.59 -24.49 -2.14
CA SER B 141 18.90 -23.61 -1.02
C SER B 141 18.24 -24.03 0.28
N THR B 142 16.99 -23.62 0.42
CA THR B 142 16.19 -23.92 1.59
C THR B 142 14.74 -24.19 1.16
N VAL B 143 13.91 -24.61 2.11
CA VAL B 143 12.52 -24.93 1.81
C VAL B 143 11.58 -23.84 2.27
N ALA B 144 10.47 -23.65 1.56
CA ALA B 144 9.55 -22.58 1.96
C ALA B 144 8.10 -23.02 2.17
N VAL B 145 7.48 -22.42 3.17
CA VAL B 145 6.08 -22.72 3.43
C VAL B 145 5.39 -21.43 3.75
N GLY B 146 4.08 -21.40 3.52
CA GLY B 146 3.35 -20.18 3.75
C GLY B 146 2.12 -20.38 4.56
N CYS B 147 1.19 -19.44 4.41
CA CYS B 147 -0.05 -19.43 5.16
C CYS B 147 -0.92 -18.36 4.54
N LEU B 148 -2.13 -18.72 4.10
CA LEU B 148 -3.02 -17.78 3.41
C LEU B 148 -4.22 -17.21 4.17
N ALA B 149 -4.03 -16.21 5.05
CA ALA B 149 -5.16 -15.61 5.80
C ALA B 149 -6.23 -15.07 4.88
N GLN B 150 -7.36 -15.76 4.79
CA GLN B 150 -8.41 -15.34 3.89
C GLN B 150 -9.69 -14.75 4.50
N ASP B 151 -10.48 -14.11 3.63
CA ASP B 151 -11.74 -13.46 3.96
C ASP B 151 -11.88 -12.76 5.30
N PHE B 152 -11.20 -11.62 5.44
CA PHE B 152 -11.27 -10.82 6.65
C PHE B 152 -11.62 -9.39 6.28
N LEU B 153 -11.84 -8.57 7.31
CA LEU B 153 -12.24 -7.19 7.13
C LEU B 153 -12.44 -6.73 8.57
N PRO B 154 -11.92 -5.56 8.92
CA PRO B 154 -11.17 -4.65 8.06
C PRO B 154 -9.73 -5.15 7.84
N ASP B 155 -9.05 -4.55 6.86
CA ASP B 155 -7.67 -4.92 6.58
C ASP B 155 -6.84 -4.61 7.82
N SER B 156 -6.48 -5.63 8.59
CA SER B 156 -5.65 -5.38 9.77
C SER B 156 -5.19 -6.63 10.48
N ILE B 157 -4.20 -7.29 9.90
CA ILE B 157 -3.65 -8.53 10.45
C ILE B 157 -2.17 -8.39 10.72
N THR B 158 -1.64 -9.38 11.43
CA THR B 158 -0.23 -9.46 11.76
C THR B 158 0.11 -10.94 11.71
N PHE B 159 1.36 -11.26 11.42
CA PHE B 159 1.79 -12.63 11.33
C PHE B 159 2.96 -12.86 12.23
N SER B 160 2.99 -14.04 12.81
CA SER B 160 4.06 -14.45 13.68
C SER B 160 4.11 -15.93 13.43
N TRP B 161 5.32 -16.45 13.25
CA TRP B 161 5.49 -17.86 12.99
C TRP B 161 6.27 -18.44 14.13
N LYS B 162 5.74 -19.55 14.63
CA LYS B 162 6.33 -20.25 15.74
C LYS B 162 6.54 -21.69 15.38
N TYR B 163 7.50 -22.28 16.06
CA TYR B 163 7.84 -23.69 15.88
C TYR B 163 7.00 -24.63 16.75
N LYS B 164 7.33 -25.92 16.66
CA LYS B 164 6.68 -26.96 17.45
C LYS B 164 7.30 -26.68 18.82
N ASN B 165 8.64 -26.64 18.84
CA ASN B 165 9.40 -26.33 20.05
C ASN B 165 9.12 -24.86 20.38
N ASN B 166 7.88 -24.49 20.08
CA ASN B 166 7.29 -23.15 20.25
C ASN B 166 8.20 -21.91 20.34
N SER B 167 9.22 -21.84 19.51
CA SER B 167 10.11 -20.68 19.50
C SER B 167 9.53 -19.67 18.49
N ASP B 168 10.39 -18.89 17.83
CA ASP B 168 9.90 -17.94 16.85
C ASP B 168 10.68 -18.12 15.55
N ILE B 169 10.12 -17.69 14.42
CA ILE B 169 10.79 -17.83 13.13
C ILE B 169 11.14 -16.49 12.44
N SER B 170 12.05 -16.55 11.46
CA SER B 170 12.48 -15.39 10.67
C SER B 170 11.87 -15.42 9.26
N SER B 171 10.64 -14.91 9.19
CA SER B 171 9.84 -14.87 7.98
C SER B 171 10.02 -13.58 7.21
N THR B 172 9.68 -12.48 7.87
CA THR B 172 9.75 -11.15 7.29
C THR B 172 8.91 -11.11 6.01
N ARG B 173 8.58 -12.28 5.45
CA ARG B 173 7.81 -12.29 4.23
C ARG B 173 6.33 -12.11 4.45
N GLY B 174 5.96 -10.84 4.48
CA GLY B 174 4.58 -10.47 4.65
C GLY B 174 4.18 -9.57 3.50
N PHE B 175 3.21 -10.02 2.72
CA PHE B 175 2.77 -9.24 1.61
C PHE B 175 1.57 -8.45 1.98
N PRO B 176 1.48 -7.24 1.45
CA PRO B 176 0.32 -6.41 1.74
C PRO B 176 -0.89 -7.21 1.31
N SER B 177 -2.08 -6.78 1.71
CA SER B 177 -3.29 -7.53 1.41
C SER B 177 -3.95 -7.17 0.11
N VAL B 178 -4.65 -8.13 -0.48
CA VAL B 178 -5.32 -7.85 -1.72
C VAL B 178 -6.82 -7.89 -1.44
N LEU B 179 -7.56 -6.95 -2.02
CA LEU B 179 -9.00 -6.85 -1.85
C LEU B 179 -9.75 -7.66 -2.90
N ARG B 180 -10.40 -8.72 -2.42
CA ARG B 180 -11.16 -9.64 -3.26
C ARG B 180 -12.61 -9.64 -2.75
N GLY B 181 -13.55 -9.31 -3.64
CA GLY B 181 -14.96 -9.30 -3.27
C GLY B 181 -15.27 -8.88 -1.84
N GLY B 182 -15.22 -7.58 -1.58
CA GLY B 182 -15.51 -7.07 -0.25
C GLY B 182 -14.63 -7.59 0.88
N LYS B 183 -13.87 -8.66 0.65
CA LYS B 183 -13.01 -9.22 1.69
C LYS B 183 -11.52 -9.22 1.32
N TYR B 184 -10.68 -9.02 2.33
CA TYR B 184 -9.25 -8.97 2.11
C TYR B 184 -8.51 -10.26 2.39
N ALA B 185 -7.57 -10.58 1.49
CA ALA B 185 -6.73 -11.77 1.59
C ALA B 185 -5.27 -11.34 1.76
N ALA B 186 -4.47 -12.15 2.43
CA ALA B 186 -3.07 -11.83 2.62
C ALA B 186 -2.28 -13.09 2.65
N THR B 187 -1.02 -12.99 2.28
CA THR B 187 -0.13 -14.13 2.29
C THR B 187 1.04 -13.84 3.20
N SER B 188 1.61 -14.87 3.81
CA SER B 188 2.82 -14.70 4.59
C SER B 188 3.61 -15.95 4.31
N GLN B 189 4.91 -15.83 4.09
CA GLN B 189 5.67 -17.03 3.83
C GLN B 189 6.86 -17.05 4.73
N VAL B 190 7.62 -18.12 4.69
CA VAL B 190 8.79 -18.22 5.54
C VAL B 190 9.75 -19.24 4.96
N LEU B 191 11.04 -18.93 5.03
CA LEU B 191 12.08 -19.83 4.56
C LEU B 191 12.76 -20.44 5.77
N LEU B 192 13.03 -21.74 5.69
CA LEU B 192 13.70 -22.51 6.74
C LEU B 192 14.83 -23.18 5.99
N PRO B 193 15.98 -23.42 6.64
CA PRO B 193 17.13 -24.06 5.96
C PRO B 193 16.88 -25.51 5.61
N SER B 194 17.19 -25.88 4.37
CA SER B 194 16.96 -27.25 3.93
C SER B 194 17.52 -28.28 4.91
N LYS B 195 18.64 -27.94 5.55
CA LYS B 195 19.28 -28.86 6.48
C LYS B 195 18.40 -29.23 7.67
N ASP B 196 17.76 -28.24 8.26
CA ASP B 196 16.88 -28.49 9.40
C ASP B 196 15.65 -29.31 9.04
N VAL B 197 14.82 -28.84 8.10
CA VAL B 197 13.61 -29.59 7.70
C VAL B 197 13.88 -31.04 7.32
N MET B 198 15.05 -31.32 6.77
CA MET B 198 15.37 -32.68 6.42
C MET B 198 16.06 -33.31 7.62
N GLN B 199 15.30 -33.46 8.69
CA GLN B 199 15.81 -34.00 9.95
C GLN B 199 14.66 -34.09 10.97
N GLY B 200 14.77 -33.23 12.00
CA GLY B 200 13.81 -33.13 13.09
C GLY B 200 12.42 -33.74 13.02
N THR B 201 11.84 -33.94 14.21
CA THR B 201 10.49 -34.53 14.33
C THR B 201 9.47 -33.49 13.90
N ASP B 202 9.79 -32.22 14.17
CA ASP B 202 8.94 -31.11 13.82
C ASP B 202 8.22 -31.55 12.55
N GLU B 203 6.95 -31.89 12.69
CA GLU B 203 6.20 -32.30 11.53
C GLU B 203 5.46 -31.03 11.10
N HIS B 204 5.80 -29.92 11.76
CA HIS B 204 5.18 -28.65 11.44
C HIS B 204 5.72 -27.38 12.15
N VAL B 205 5.17 -26.27 11.71
CA VAL B 205 5.43 -24.96 12.29
C VAL B 205 4.03 -24.42 12.31
N VAL B 206 3.81 -23.40 13.11
CA VAL B 206 2.47 -22.85 13.17
C VAL B 206 2.49 -21.41 12.74
N CYS B 207 1.39 -21.08 12.08
CA CYS B 207 1.16 -19.76 11.56
C CYS B 207 0.22 -19.07 12.55
N LYS B 208 0.54 -17.84 12.93
CA LYS B 208 -0.29 -17.11 13.88
C LYS B 208 -0.64 -15.71 13.37
N VAL B 209 -1.93 -15.36 13.42
CA VAL B 209 -2.37 -14.04 12.98
C VAL B 209 -3.29 -13.38 14.02
N GLN B 210 -3.16 -12.07 14.22
CA GLN B 210 -4.01 -11.36 15.17
C GLN B 210 -4.86 -10.27 14.54
N HIS B 211 -6.04 -10.64 14.07
CA HIS B 211 -6.99 -9.71 13.48
C HIS B 211 -7.97 -9.36 14.59
N PRO B 212 -8.49 -8.12 14.57
CA PRO B 212 -9.44 -7.72 15.61
C PRO B 212 -10.86 -8.17 15.23
N ASN B 213 -11.15 -9.44 15.50
CA ASN B 213 -12.43 -10.09 15.22
C ASN B 213 -12.14 -11.57 15.44
N GLY B 214 -10.90 -11.87 15.85
CA GLY B 214 -10.49 -13.24 16.10
C GLY B 214 -8.99 -13.42 15.91
N ASN B 215 -8.39 -14.29 16.71
CA ASN B 215 -6.95 -14.56 16.64
C ASN B 215 -6.59 -15.99 16.25
N LYS B 216 -7.20 -16.48 15.17
CA LYS B 216 -6.96 -17.84 14.66
C LYS B 216 -5.47 -18.17 14.57
N GLU B 217 -5.14 -19.46 14.44
CA GLU B 217 -3.76 -19.87 14.31
C GLU B 217 -3.61 -21.32 13.89
N LYS B 218 -3.54 -21.52 12.57
CA LYS B 218 -3.41 -22.83 11.97
C LYS B 218 -1.97 -23.34 12.00
N ASP B 219 -1.79 -24.62 11.72
CA ASP B 219 -0.45 -25.19 11.71
C ASP B 219 -0.17 -25.68 10.30
N VAL B 220 1.04 -25.43 9.81
CA VAL B 220 1.40 -25.85 8.48
C VAL B 220 2.46 -26.93 8.54
N PRO B 221 2.25 -28.01 7.78
CA PRO B 221 3.13 -29.17 7.68
C PRO B 221 4.37 -28.96 6.83
N LEU B 222 5.55 -29.18 7.42
CA LEU B 222 6.78 -29.05 6.66
C LEU B 222 6.72 -30.17 5.62
N PRO B 223 7.66 -30.19 4.67
CA PRO B 223 7.62 -31.24 3.64
C PRO B 223 8.35 -32.59 3.72
N VAL B 224 9.37 -32.73 4.57
CA VAL B 224 10.16 -33.98 4.62
C VAL B 224 10.99 -34.09 3.34
N VAL B 225 12.29 -33.89 3.50
CA VAL B 225 13.20 -33.88 2.37
C VAL B 225 14.27 -34.98 2.33
N ILE B 226 15.39 -34.71 3.02
CA ILE B 226 16.59 -35.58 3.11
C ILE B 226 16.89 -36.36 1.81
#